data_3CTH
#
_entry.id   3CTH
#
_cell.length_a   42.752
_cell.length_b   47.637
_cell.length_c   152.471
_cell.angle_alpha   90.00
_cell.angle_beta   90.00
_cell.angle_gamma   90.00
#
_symmetry.space_group_name_H-M   'P 21 21 21'
#
loop_
_entity.id
_entity.type
_entity.pdbx_description
1 polymer 'Hepatocyte growth factor receptor'
2 non-polymer N-({4-[(2-aminopyridin-4-yl)oxy]-3-fluorophenyl}carbamoyl)-2-(4-fluorophenyl)acetamide
3 water water
#
_entity_poly.entity_id   1
_entity_poly.type   'polypeptide(L)'
_entity_poly.pdbx_seq_one_letter_code
;GANTVHIDLSALNPELVQAVQHVVIGPSSLIVHFNEVIGRGHFGCVYHGTLLDNDGKKIHCAVKSLNRITDIGEVSQFLT
EGIIMKDFSHPNVLSLLGICLRSEGSPLVVLPYMKHGDLRNFIRNETHNPTVKDLIGFGLQVAKGMKFLASKKFVHRDLA
ARNCMLDEKFTVKVADFGLARDMYDKEFDSVHNKTGAKLPVKWMALESLQTQKFTTKSDVWSFGVLLWELMTRGAPPYPD
VNTFDITVYLLQGRRLLQPEYCPDPLYEVMLKCWHPKAEMRPSFSELVSRISAIFSTFIGEHYVHVNATYVNVK
;
_entity_poly.pdbx_strand_id   A
#
loop_
_chem_comp.id
_chem_comp.type
_chem_comp.name
_chem_comp.formula
319 non-polymer N-({4-[(2-aminopyridin-4-yl)oxy]-3-fluorophenyl}carbamoyl)-2-(4-fluorophenyl)acetamide 'C20 H16 F2 N4 O3'
#
# COMPACT_ATOMS: atom_id res chain seq x y z
N HIS A 6 0.34 -25.81 -21.78
CA HIS A 6 -0.70 -26.83 -21.93
C HIS A 6 -2.01 -26.47 -21.22
N ILE A 7 -2.40 -25.21 -21.36
CA ILE A 7 -3.63 -24.68 -20.79
C ILE A 7 -4.33 -23.86 -21.88
N ASP A 8 -5.60 -24.13 -22.12
CA ASP A 8 -6.33 -23.36 -23.12
C ASP A 8 -6.55 -21.95 -22.56
N LEU A 9 -5.48 -21.16 -22.57
CA LEU A 9 -5.54 -19.80 -22.07
C LEU A 9 -6.62 -18.98 -22.76
N SER A 10 -6.39 -18.66 -24.04
CA SER A 10 -7.35 -17.87 -24.82
C SER A 10 -8.78 -18.35 -24.64
N ALA A 11 -9.34 -17.97 -23.50
CA ALA A 11 -10.69 -18.33 -23.09
C ALA A 11 -10.93 -17.51 -21.83
N LEU A 12 -10.09 -16.50 -21.65
CA LEU A 12 -10.15 -15.62 -20.48
C LEU A 12 -11.23 -14.57 -20.62
N ASN A 13 -11.10 -13.68 -21.60
CA ASN A 13 -12.06 -12.60 -21.81
C ASN A 13 -11.85 -11.91 -23.14
N PRO A 14 -12.91 -11.85 -23.98
CA PRO A 14 -12.94 -11.20 -25.30
C PRO A 14 -12.38 -9.77 -25.23
N GLU A 15 -13.27 -8.80 -25.13
CA GLU A 15 -12.88 -7.40 -25.02
C GLU A 15 -12.77 -7.03 -23.54
N LEU A 16 -12.32 -7.99 -22.75
CA LEU A 16 -12.18 -7.82 -21.31
C LEU A 16 -10.76 -8.11 -20.81
N VAL A 17 -10.16 -9.20 -21.29
CA VAL A 17 -8.82 -9.56 -20.87
C VAL A 17 -7.78 -9.57 -21.98
N GLN A 18 -8.07 -8.86 -23.07
CA GLN A 18 -7.13 -8.73 -24.18
C GLN A 18 -6.15 -7.64 -23.76
N ALA A 19 -6.10 -7.41 -22.45
CA ALA A 19 -5.26 -6.38 -21.85
C ALA A 19 -3.81 -6.79 -21.73
N VAL A 20 -3.57 -8.05 -21.38
CA VAL A 20 -2.19 -8.54 -21.26
C VAL A 20 -1.44 -8.32 -22.56
N GLN A 21 -2.17 -7.97 -23.61
CA GLN A 21 -1.58 -7.68 -24.91
C GLN A 21 -0.90 -6.31 -24.82
N HIS A 22 -1.68 -5.25 -25.00
CA HIS A 22 -1.13 -3.91 -24.88
C HIS A 22 -0.68 -3.69 -23.44
N VAL A 23 0.22 -4.57 -22.99
CA VAL A 23 0.76 -4.52 -21.63
C VAL A 23 1.88 -5.55 -21.52
N VAL A 24 1.91 -6.49 -22.45
CA VAL A 24 2.93 -7.54 -22.48
C VAL A 24 4.25 -7.00 -23.01
N ILE A 25 5.33 -7.72 -22.76
CA ILE A 25 6.66 -7.34 -23.22
C ILE A 25 7.43 -8.60 -23.57
N GLY A 26 8.43 -8.49 -24.43
CA GLY A 26 9.21 -9.63 -24.85
C GLY A 26 10.39 -9.92 -23.93
N PRO A 27 10.56 -11.20 -23.56
CA PRO A 27 11.69 -11.59 -22.69
C PRO A 27 13.02 -11.26 -23.35
N SER A 28 12.95 -10.75 -24.57
CA SER A 28 14.13 -10.36 -25.34
C SER A 28 14.69 -9.04 -24.82
N SER A 29 14.34 -8.71 -23.58
CA SER A 29 14.80 -7.47 -22.96
C SER A 29 14.62 -7.49 -21.44
N LEU A 30 14.36 -8.67 -20.88
CA LEU A 30 14.15 -8.81 -19.44
C LEU A 30 14.60 -10.16 -18.87
N ILE A 31 15.59 -10.13 -17.98
CA ILE A 31 16.14 -11.33 -17.35
C ILE A 31 15.49 -11.59 -15.98
N VAL A 32 15.80 -12.74 -15.39
CA VAL A 32 15.25 -13.11 -14.09
C VAL A 32 16.29 -13.73 -13.14
N HIS A 33 16.38 -13.17 -11.94
CA HIS A 33 17.30 -13.66 -10.91
C HIS A 33 16.51 -14.35 -9.79
N PHE A 34 16.33 -15.66 -9.92
CA PHE A 34 15.55 -16.45 -8.98
C PHE A 34 16.17 -16.75 -7.61
N ASN A 35 17.49 -16.95 -7.58
CA ASN A 35 18.19 -17.27 -6.33
C ASN A 35 17.95 -16.25 -5.23
N GLU A 36 18.34 -15.01 -5.50
CA GLU A 36 18.16 -13.91 -4.55
C GLU A 36 16.71 -13.50 -4.49
N VAL A 37 16.12 -13.53 -3.30
CA VAL A 37 14.72 -13.18 -3.13
C VAL A 37 14.47 -12.00 -2.20
N ILE A 38 13.21 -11.78 -1.87
CA ILE A 38 12.80 -10.69 -1.00
C ILE A 38 11.35 -10.88 -0.59
N GLY A 39 10.49 -11.09 -1.58
CA GLY A 39 9.07 -11.28 -1.34
C GLY A 39 8.73 -12.75 -1.13
N ARG A 40 8.11 -13.04 0.00
CA ARG A 40 7.71 -14.40 0.33
C ARG A 40 6.83 -14.44 1.57
N GLY A 41 6.00 -13.41 1.73
CA GLY A 41 5.08 -13.33 2.85
C GLY A 41 4.08 -14.47 2.77
N HIS A 42 4.04 -15.10 1.59
CA HIS A 42 3.16 -16.24 1.32
C HIS A 42 3.19 -16.60 -0.16
N PHE A 43 2.38 -15.90 -0.95
CA PHE A 43 2.32 -16.14 -2.38
C PHE A 43 3.21 -15.12 -3.08
N GLY A 44 3.27 -15.18 -4.40
CA GLY A 44 4.11 -14.27 -5.16
C GLY A 44 5.54 -14.29 -4.64
N CYS A 45 6.32 -15.25 -5.11
CA CYS A 45 7.71 -15.38 -4.70
C CYS A 45 8.59 -14.36 -5.44
N VAL A 46 8.36 -13.08 -5.15
CA VAL A 46 9.10 -12.00 -5.78
C VAL A 46 10.61 -12.25 -5.78
N TYR A 47 11.25 -11.97 -6.92
CA TYR A 47 12.68 -12.18 -7.08
C TYR A 47 13.39 -10.87 -7.33
N HIS A 48 14.04 -10.79 -8.48
CA HIS A 48 14.76 -9.61 -8.93
C HIS A 48 14.82 -9.72 -10.45
N GLY A 49 15.42 -8.76 -11.14
CA GLY A 49 15.50 -8.84 -12.60
C GLY A 49 15.81 -7.53 -13.30
N THR A 50 16.16 -7.61 -14.58
CA THR A 50 16.49 -6.41 -15.34
C THR A 50 15.88 -6.36 -16.74
N LEU A 51 15.16 -5.29 -17.03
CA LEU A 51 14.54 -5.11 -18.33
C LEU A 51 15.42 -4.22 -19.20
N LEU A 52 15.19 -4.21 -20.50
CA LEU A 52 16.01 -3.39 -21.40
C LEU A 52 15.18 -2.47 -22.30
N ASP A 53 15.71 -1.27 -22.53
CA ASP A 53 15.07 -0.27 -23.39
C ASP A 53 15.97 0.03 -24.61
N ASN A 54 16.07 -0.95 -25.50
CA ASN A 54 16.89 -0.84 -26.70
C ASN A 54 18.38 -1.06 -26.41
N ASP A 55 19.24 -0.19 -26.93
CA ASP A 55 20.68 -0.32 -26.74
C ASP A 55 21.28 0.66 -25.71
N GLY A 56 20.98 0.45 -24.44
CA GLY A 56 21.49 1.29 -23.37
C GLY A 56 20.67 1.25 -22.09
N LYS A 57 19.46 1.79 -22.14
CA LYS A 57 18.57 1.84 -20.98
C LYS A 57 18.28 0.50 -20.29
N LYS A 58 18.63 0.41 -19.00
CA LYS A 58 18.38 -0.81 -18.23
C LYS A 58 17.44 -0.55 -17.05
N ILE A 59 17.21 -1.55 -16.21
CA ILE A 59 16.31 -1.40 -15.06
C ILE A 59 16.20 -2.63 -14.17
N HIS A 60 16.21 -2.40 -12.86
CA HIS A 60 16.09 -3.45 -11.85
C HIS A 60 14.59 -3.66 -11.57
N CYS A 61 14.20 -4.83 -11.07
CA CYS A 61 12.78 -5.10 -10.86
C CYS A 61 12.38 -6.12 -9.79
N ALA A 62 11.07 -6.20 -9.59
CA ALA A 62 10.46 -7.14 -8.64
C ALA A 62 9.54 -8.04 -9.45
N VAL A 63 9.70 -9.35 -9.28
CA VAL A 63 8.92 -10.32 -10.03
C VAL A 63 8.23 -11.31 -9.11
N LYS A 64 6.90 -11.18 -9.01
CA LYS A 64 6.11 -12.08 -8.17
C LYS A 64 5.26 -13.03 -9.01
N SER A 65 5.15 -14.28 -8.57
CA SER A 65 4.38 -15.30 -9.27
C SER A 65 3.79 -16.31 -8.29
N LEU A 66 2.94 -17.21 -8.80
CA LEU A 66 2.31 -18.24 -7.97
C LEU A 66 2.24 -19.60 -8.66
N ASN A 67 1.35 -20.47 -8.15
CA ASN A 67 1.13 -21.83 -8.65
C ASN A 67 1.06 -21.98 -10.17
N ARG A 68 0.41 -23.04 -10.61
CA ARG A 68 0.27 -23.31 -12.05
C ARG A 68 -0.92 -24.24 -12.36
N ILE A 69 -0.61 -25.50 -12.64
CA ILE A 69 -1.62 -26.51 -12.98
C ILE A 69 -2.75 -26.65 -11.97
N THR A 70 -2.78 -25.77 -10.97
CA THR A 70 -3.84 -25.79 -9.96
C THR A 70 -5.05 -25.05 -10.54
N ASP A 71 -5.59 -25.59 -11.63
CA ASP A 71 -6.71 -24.97 -12.34
C ASP A 71 -6.45 -23.49 -12.58
N ILE A 72 -7.52 -22.72 -12.81
CA ILE A 72 -7.36 -21.30 -13.11
C ILE A 72 -8.21 -20.39 -12.21
N GLY A 73 -9.10 -20.98 -11.43
CA GLY A 73 -9.98 -20.27 -10.51
C GLY A 73 -9.39 -19.04 -9.86
N GLU A 74 -8.43 -19.25 -8.97
CA GLU A 74 -7.76 -18.14 -8.30
C GLU A 74 -6.44 -17.83 -9.01
N VAL A 75 -6.33 -18.31 -10.24
CA VAL A 75 -5.13 -18.11 -11.05
C VAL A 75 -5.36 -16.96 -12.03
N SER A 76 -6.61 -16.77 -12.43
CA SER A 76 -6.96 -15.69 -13.34
C SER A 76 -7.09 -14.38 -12.56
N GLN A 77 -7.27 -14.51 -11.24
CA GLN A 77 -7.40 -13.35 -10.38
C GLN A 77 -6.02 -12.80 -10.03
N PHE A 78 -4.99 -13.48 -10.54
CA PHE A 78 -3.59 -13.10 -10.35
C PHE A 78 -3.22 -12.16 -11.49
N LEU A 79 -3.52 -12.58 -12.70
CA LEU A 79 -3.24 -11.78 -13.89
C LEU A 79 -4.15 -10.56 -13.90
N THR A 80 -5.39 -10.74 -13.47
CA THR A 80 -6.38 -9.66 -13.43
C THR A 80 -6.13 -8.65 -12.30
N GLU A 81 -5.34 -9.05 -11.32
CA GLU A 81 -5.00 -8.14 -10.23
C GLU A 81 -3.90 -7.19 -10.69
N GLY A 82 -2.75 -7.74 -11.07
CA GLY A 82 -1.60 -6.96 -11.53
C GLY A 82 -1.92 -6.09 -12.73
N ILE A 83 -2.97 -6.44 -13.46
CA ILE A 83 -3.38 -5.65 -14.62
C ILE A 83 -4.18 -4.44 -14.16
N ILE A 84 -4.62 -4.48 -12.90
CA ILE A 84 -5.37 -3.39 -12.28
C ILE A 84 -4.55 -2.11 -12.30
N MET A 85 -3.24 -2.26 -12.42
CA MET A 85 -2.29 -1.16 -12.39
C MET A 85 -2.02 -0.55 -13.76
N LYS A 86 -2.53 -1.20 -14.80
CA LYS A 86 -2.34 -0.74 -16.18
C LYS A 86 -2.49 0.76 -16.36
N ASP A 87 -3.51 1.34 -15.72
CA ASP A 87 -3.75 2.77 -15.84
C ASP A 87 -3.48 3.54 -14.55
N PHE A 88 -2.53 3.03 -13.76
CA PHE A 88 -2.14 3.67 -12.53
C PHE A 88 -0.87 4.49 -12.77
N SER A 89 -1.04 5.63 -13.43
CA SER A 89 0.09 6.52 -13.72
C SER A 89 0.13 7.73 -12.79
N HIS A 90 0.66 7.53 -11.59
CA HIS A 90 0.85 8.59 -10.59
C HIS A 90 2.16 8.34 -9.82
N PRO A 91 3.00 9.36 -9.66
CA PRO A 91 4.26 9.12 -8.95
C PRO A 91 4.08 8.46 -7.59
N ASN A 92 2.90 8.65 -7.00
CA ASN A 92 2.62 8.12 -5.66
C ASN A 92 1.82 6.82 -5.63
N VAL A 93 1.82 6.13 -6.77
CA VAL A 93 1.12 4.85 -6.94
C VAL A 93 2.03 3.82 -7.63
N LEU A 94 2.12 2.63 -7.06
CA LEU A 94 2.94 1.58 -7.68
C LEU A 94 2.48 1.28 -9.12
N SER A 95 3.43 1.19 -10.04
CA SER A 95 3.11 0.94 -11.43
C SER A 95 3.42 -0.46 -11.98
N LEU A 96 2.83 -0.78 -13.13
CA LEU A 96 3.05 -2.04 -13.80
C LEU A 96 4.10 -1.86 -14.91
N LEU A 97 5.22 -2.55 -14.77
CA LEU A 97 6.29 -2.46 -15.75
C LEU A 97 5.81 -3.12 -17.06
N GLY A 98 5.42 -4.38 -16.93
CA GLY A 98 4.93 -5.13 -18.06
C GLY A 98 4.48 -6.51 -17.66
N ILE A 99 4.10 -7.28 -18.67
CA ILE A 99 3.64 -8.65 -18.48
C ILE A 99 4.25 -9.58 -19.53
N CYS A 100 4.81 -10.69 -19.07
CA CYS A 100 5.41 -11.68 -19.94
C CYS A 100 5.26 -13.05 -19.29
N LEU A 101 4.82 -14.03 -20.09
CA LEU A 101 4.62 -15.40 -19.63
C LEU A 101 5.06 -16.36 -20.73
N ARG A 102 6.33 -16.74 -20.71
CA ARG A 102 6.89 -17.66 -21.71
C ARG A 102 6.00 -18.89 -21.90
N SER A 103 6.24 -19.63 -22.97
CA SER A 103 5.44 -20.81 -23.28
C SER A 103 5.69 -21.97 -22.33
N GLU A 104 5.89 -21.66 -21.04
CA GLU A 104 6.13 -22.70 -20.03
C GLU A 104 6.47 -22.12 -18.65
N GLY A 105 6.41 -20.79 -18.52
CA GLY A 105 6.72 -20.10 -17.28
C GLY A 105 5.51 -19.60 -16.51
N SER A 106 5.36 -20.08 -15.28
CA SER A 106 4.25 -19.71 -14.39
C SER A 106 3.91 -18.22 -14.40
N PRO A 107 2.63 -17.88 -14.15
CA PRO A 107 2.08 -16.51 -14.12
C PRO A 107 3.04 -15.49 -13.48
N LEU A 108 3.75 -14.75 -14.32
CA LEU A 108 4.76 -13.79 -13.89
C LEU A 108 4.32 -12.32 -13.86
N VAL A 109 4.39 -11.71 -12.67
CA VAL A 109 4.05 -10.28 -12.50
C VAL A 109 5.32 -9.45 -12.26
N VAL A 110 5.52 -8.41 -13.08
CA VAL A 110 6.73 -7.59 -12.95
C VAL A 110 6.59 -6.11 -12.57
N LEU A 111 7.16 -5.76 -11.41
CA LEU A 111 7.09 -4.40 -10.87
C LEU A 111 8.45 -3.69 -10.71
N PRO A 112 8.44 -2.35 -10.83
CA PRO A 112 9.69 -1.62 -10.62
C PRO A 112 10.20 -1.90 -9.20
N TYR A 113 11.52 -1.93 -9.02
CA TYR A 113 12.13 -2.22 -7.74
C TYR A 113 12.04 -1.06 -6.76
N MET A 114 11.65 -1.38 -5.53
CA MET A 114 11.48 -0.40 -4.48
C MET A 114 12.58 -0.66 -3.47
N LYS A 115 13.64 0.13 -3.56
CA LYS A 115 14.84 -0.04 -2.76
C LYS A 115 14.67 -0.13 -1.28
N HIS A 116 13.80 0.73 -0.74
CA HIS A 116 13.63 0.81 0.70
C HIS A 116 12.52 -0.04 1.28
N GLY A 117 11.92 -0.86 0.41
CA GLY A 117 10.86 -1.79 0.77
C GLY A 117 9.58 -1.10 1.20
N ASP A 118 8.92 -1.64 2.21
CA ASP A 118 7.66 -1.09 2.68
C ASP A 118 7.79 -0.01 3.74
N LEU A 119 6.88 0.96 3.67
CA LEU A 119 6.91 2.10 4.56
C LEU A 119 7.03 1.77 6.04
N ARG A 120 6.34 0.73 6.49
CA ARG A 120 6.35 0.35 7.91
C ARG A 120 7.67 -0.23 8.42
N ASN A 121 8.29 -1.10 7.62
CA ASN A 121 9.56 -1.68 8.00
C ASN A 121 10.64 -0.60 7.98
N PHE A 122 10.59 0.27 6.98
CA PHE A 122 11.53 1.37 6.86
C PHE A 122 11.56 2.24 8.10
N ILE A 123 10.38 2.67 8.55
CA ILE A 123 10.24 3.52 9.74
C ILE A 123 10.51 2.84 11.09
N ARG A 124 10.30 1.52 11.15
CA ARG A 124 10.56 0.74 12.37
C ARG A 124 12.06 0.49 12.51
N ASN A 125 12.79 0.60 11.40
CA ASN A 125 14.24 0.36 11.39
C ASN A 125 14.95 1.40 12.27
N GLU A 126 15.68 0.89 13.25
CA GLU A 126 16.33 1.74 14.23
C GLU A 126 17.58 2.48 13.76
N THR A 127 18.15 2.06 12.62
CA THR A 127 19.29 2.75 12.05
C THR A 127 18.84 3.95 11.25
N HIS A 128 17.53 4.14 11.15
CA HIS A 128 16.98 5.28 10.44
C HIS A 128 16.61 6.37 11.42
N ASN A 129 16.83 7.62 11.01
CA ASN A 129 16.60 8.77 11.87
C ASN A 129 15.68 9.79 11.24
N PRO A 130 14.40 9.46 11.12
CA PRO A 130 13.39 10.35 10.57
C PRO A 130 13.14 11.55 11.46
N THR A 131 12.63 12.61 10.85
CA THR A 131 12.28 13.82 11.56
C THR A 131 10.77 13.90 11.45
N VAL A 132 10.13 14.75 12.25
CA VAL A 132 8.69 14.92 12.17
C VAL A 132 8.33 15.26 10.71
N LYS A 133 9.09 16.18 10.13
CA LYS A 133 8.89 16.60 8.73
C LYS A 133 8.93 15.45 7.73
N ASP A 134 9.94 14.58 7.85
CA ASP A 134 10.09 13.44 6.96
C ASP A 134 8.84 12.59 7.00
N LEU A 135 8.36 12.34 8.21
CA LEU A 135 7.18 11.51 8.40
C LEU A 135 5.90 12.19 7.94
N ILE A 136 5.77 13.48 8.19
CA ILE A 136 4.59 14.17 7.70
C ILE A 136 4.63 14.15 6.16
N GLY A 137 5.83 14.23 5.60
CA GLY A 137 6.08 14.16 4.17
C GLY A 137 5.61 12.85 3.57
N PHE A 138 5.90 11.74 4.25
CA PHE A 138 5.43 10.43 3.79
C PHE A 138 3.90 10.37 3.78
N GLY A 139 3.26 10.96 4.78
CA GLY A 139 1.80 10.98 4.88
C GLY A 139 1.24 11.83 3.75
N LEU A 140 1.91 12.93 3.44
CA LEU A 140 1.49 13.80 2.36
C LEU A 140 1.51 13.13 1.00
N GLN A 141 2.49 12.27 0.79
CA GLN A 141 2.65 11.51 -0.46
C GLN A 141 1.58 10.44 -0.64
N VAL A 142 1.25 9.74 0.44
CA VAL A 142 0.17 8.76 0.43
C VAL A 142 -1.13 9.49 0.12
N ALA A 143 -1.34 10.63 0.76
CA ALA A 143 -2.55 11.42 0.52
C ALA A 143 -2.65 11.78 -0.96
N LYS A 144 -1.51 12.15 -1.54
CA LYS A 144 -1.47 12.50 -2.97
C LYS A 144 -1.85 11.35 -3.88
N GLY A 145 -1.27 10.17 -3.65
CA GLY A 145 -1.60 8.98 -4.42
C GLY A 145 -3.07 8.62 -4.20
N MET A 146 -3.51 8.69 -2.95
CA MET A 146 -4.90 8.41 -2.60
C MET A 146 -5.82 9.39 -3.34
N LYS A 147 -5.42 10.64 -3.45
CA LYS A 147 -6.26 11.60 -4.16
C LYS A 147 -6.40 11.20 -5.63
N PHE A 148 -5.31 10.71 -6.22
CA PHE A 148 -5.35 10.23 -7.61
C PHE A 148 -6.34 9.07 -7.74
N LEU A 149 -6.21 8.06 -6.87
CA LEU A 149 -7.08 6.88 -6.88
C LEU A 149 -8.56 7.22 -6.66
N ALA A 150 -8.81 8.10 -5.69
CA ALA A 150 -10.17 8.55 -5.45
C ALA A 150 -10.66 9.15 -6.76
N SER A 151 -9.86 9.99 -7.39
CA SER A 151 -10.26 10.57 -8.68
C SER A 151 -10.72 9.53 -9.73
N LYS A 152 -10.19 8.32 -9.64
CA LYS A 152 -10.55 7.23 -10.54
C LYS A 152 -11.68 6.38 -9.97
N LYS A 153 -12.28 6.83 -8.89
CA LYS A 153 -13.31 6.05 -8.20
C LYS A 153 -12.76 4.66 -7.85
N PHE A 154 -11.49 4.62 -7.50
CA PHE A 154 -10.86 3.36 -7.10
C PHE A 154 -10.89 3.26 -5.58
N VAL A 155 -11.41 2.16 -5.08
CA VAL A 155 -11.48 1.95 -3.64
C VAL A 155 -10.35 1.00 -3.25
N HIS A 156 -9.43 1.47 -2.44
CA HIS A 156 -8.28 0.68 -2.04
C HIS A 156 -8.68 -0.50 -1.19
N ARG A 157 -9.34 -0.23 -0.07
CA ARG A 157 -9.81 -1.26 0.85
C ARG A 157 -8.79 -1.78 1.85
N ASP A 158 -7.51 -1.45 1.67
CA ASP A 158 -6.48 -1.90 2.61
C ASP A 158 -5.29 -0.96 2.75
N LEU A 159 -5.61 0.33 2.87
CA LEU A 159 -4.60 1.36 3.08
C LEU A 159 -3.92 1.14 4.45
N ALA A 160 -2.62 0.84 4.43
CA ALA A 160 -1.84 0.63 5.66
C ALA A 160 -0.38 0.92 5.33
N ALA A 161 0.42 1.36 6.32
CA ALA A 161 1.84 1.65 6.08
C ALA A 161 2.59 0.45 5.54
N ARG A 162 2.12 -0.75 5.88
CA ARG A 162 2.75 -2.00 5.40
C ARG A 162 2.50 -2.19 3.91
N ASN A 163 1.52 -1.49 3.35
CA ASN A 163 1.16 -1.59 1.92
C ASN A 163 1.70 -0.47 1.03
N CYS A 164 2.52 0.40 1.59
CA CYS A 164 3.09 1.51 0.83
C CYS A 164 4.56 1.20 0.58
N MET A 165 5.02 1.45 -0.64
CA MET A 165 6.43 1.18 -0.96
C MET A 165 7.25 2.47 -0.93
N LEU A 166 8.56 2.31 -0.76
CA LEU A 166 9.48 3.45 -0.70
C LEU A 166 10.66 3.17 -1.64
N ASP A 167 10.86 4.06 -2.62
CA ASP A 167 11.96 3.93 -3.60
C ASP A 167 13.23 4.68 -3.18
N GLU A 168 14.27 4.62 -4.02
CA GLU A 168 15.58 5.21 -3.76
C GLU A 168 15.64 6.72 -3.54
N LYS A 169 14.61 7.44 -4.00
CA LYS A 169 14.56 8.88 -3.82
C LYS A 169 13.62 9.15 -2.66
N PHE A 170 13.16 8.07 -2.02
CA PHE A 170 12.26 8.18 -0.89
C PHE A 170 10.88 8.68 -1.34
N THR A 171 10.44 8.16 -2.48
CA THR A 171 9.12 8.48 -3.00
C THR A 171 8.28 7.29 -2.57
N VAL A 172 7.16 7.61 -1.92
CA VAL A 172 6.24 6.62 -1.39
C VAL A 172 5.32 6.22 -2.51
N LYS A 173 5.19 4.91 -2.71
CA LYS A 173 4.28 4.39 -3.71
C LYS A 173 3.18 3.57 -3.05
N VAL A 174 1.94 4.02 -3.18
CA VAL A 174 0.78 3.32 -2.65
C VAL A 174 0.56 2.00 -3.42
N ALA A 175 0.42 0.90 -2.68
CA ALA A 175 0.23 -0.39 -3.34
C ALA A 175 -0.62 -1.35 -2.53
N ASP A 176 -0.62 -2.62 -2.93
CA ASP A 176 -1.35 -3.67 -2.25
C ASP A 176 -0.62 -4.97 -2.48
N PHE A 177 -0.02 -5.48 -1.40
CA PHE A 177 0.76 -6.70 -1.48
C PHE A 177 -0.04 -7.93 -1.81
N GLY A 178 -0.79 -7.87 -2.90
CA GLY A 178 -1.60 -8.99 -3.35
C GLY A 178 -2.29 -8.67 -4.66
N ASN A 193 -14.54 -11.16 -0.44
CA ASN A 193 -14.27 -11.42 0.98
C ASN A 193 -14.69 -10.25 1.86
N LYS A 194 -15.76 -10.44 2.63
CA LYS A 194 -16.26 -9.42 3.53
C LYS A 194 -16.65 -10.04 4.87
N THR A 195 -15.76 -10.87 5.41
CA THR A 195 -16.01 -11.55 6.68
C THR A 195 -14.82 -12.40 7.11
N GLY A 196 -13.74 -12.34 6.34
CA GLY A 196 -12.54 -13.11 6.64
C GLY A 196 -11.84 -12.64 7.90
N ALA A 197 -10.96 -13.49 8.44
CA ALA A 197 -10.19 -13.16 9.63
C ALA A 197 -9.00 -12.30 9.19
N LYS A 198 -8.67 -12.38 7.90
CA LYS A 198 -7.58 -11.59 7.34
C LYS A 198 -8.01 -10.13 7.21
N LEU A 199 -9.29 -9.89 7.45
CA LEU A 199 -9.83 -8.53 7.41
C LEU A 199 -9.01 -7.66 8.37
N PRO A 200 -8.35 -6.61 7.85
CA PRO A 200 -7.52 -5.69 8.64
C PRO A 200 -8.44 -4.74 9.42
N VAL A 201 -9.20 -5.31 10.33
CA VAL A 201 -10.19 -4.56 11.10
C VAL A 201 -9.68 -3.35 11.86
N LYS A 202 -8.41 -3.37 12.23
CA LYS A 202 -7.84 -2.22 12.94
C LYS A 202 -7.61 -0.96 12.09
N TRP A 203 -7.79 -1.08 10.78
CA TRP A 203 -7.68 0.06 9.87
C TRP A 203 -9.05 0.44 9.33
N MET A 204 -10.05 -0.36 9.70
CA MET A 204 -11.42 -0.22 9.18
C MET A 204 -12.34 0.71 9.91
N ALA A 205 -13.13 1.44 9.13
CA ALA A 205 -14.10 2.38 9.66
C ALA A 205 -15.28 1.63 10.29
N LEU A 206 -15.96 2.24 11.24
CA LEU A 206 -17.10 1.62 11.91
C LEU A 206 -18.14 1.05 10.92
N GLU A 207 -18.52 1.85 9.94
CA GLU A 207 -19.51 1.40 8.96
C GLU A 207 -19.09 0.16 8.16
N SER A 208 -17.78 -0.04 7.91
CA SER A 208 -17.34 -1.23 7.17
C SER A 208 -17.29 -2.47 8.06
N LEU A 209 -17.02 -2.27 9.35
CA LEU A 209 -16.97 -3.36 10.29
C LEU A 209 -18.38 -3.94 10.47
N GLN A 210 -19.37 -3.05 10.44
CA GLN A 210 -20.79 -3.39 10.59
C GLN A 210 -21.39 -3.93 9.30
N THR A 211 -21.30 -3.15 8.23
CA THR A 211 -21.75 -3.56 6.89
C THR A 211 -20.45 -3.69 6.10
N GLN A 212 -20.06 -4.91 5.70
CA GLN A 212 -18.77 -5.06 5.01
C GLN A 212 -18.61 -4.26 3.72
N LYS A 213 -19.15 -3.04 3.71
CA LYS A 213 -19.10 -2.17 2.55
C LYS A 213 -17.93 -1.19 2.61
N PHE A 214 -17.15 -1.12 1.54
CA PHE A 214 -16.04 -0.18 1.49
C PHE A 214 -16.25 0.95 0.48
N THR A 215 -15.85 2.16 0.88
CA THR A 215 -15.96 3.34 0.04
C THR A 215 -14.66 4.20 0.15
N THR A 216 -14.62 5.32 -0.56
CA THR A 216 -13.48 6.22 -0.47
C THR A 216 -13.43 6.86 0.93
N LYS A 217 -14.60 7.09 1.53
CA LYS A 217 -14.67 7.66 2.88
C LYS A 217 -14.18 6.65 3.91
N SER A 218 -14.17 5.38 3.55
CA SER A 218 -13.66 4.36 4.46
C SER A 218 -12.15 4.20 4.32
N ASP A 219 -11.59 4.67 3.20
CA ASP A 219 -10.13 4.69 3.01
C ASP A 219 -9.60 5.88 3.78
N VAL A 220 -10.42 6.92 3.94
CA VAL A 220 -10.01 8.12 4.69
C VAL A 220 -9.75 7.75 6.16
N TRP A 221 -10.70 7.03 6.73
CA TRP A 221 -10.53 6.51 8.09
C TRP A 221 -9.20 5.74 8.16
N SER A 222 -8.98 4.84 7.21
CA SER A 222 -7.75 4.06 7.14
C SER A 222 -6.49 4.92 6.96
N PHE A 223 -6.63 6.03 6.26
CA PHE A 223 -5.52 6.95 6.04
C PHE A 223 -5.17 7.58 7.37
N GLY A 224 -6.18 7.92 8.16
CA GLY A 224 -5.94 8.49 9.47
C GLY A 224 -5.12 7.57 10.38
N VAL A 225 -5.37 6.27 10.26
CA VAL A 225 -4.64 5.26 11.04
C VAL A 225 -3.22 5.11 10.51
N LEU A 226 -3.04 5.28 9.21
CA LEU A 226 -1.70 5.25 8.62
C LEU A 226 -0.84 6.44 9.09
N LEU A 227 -1.46 7.60 9.31
CA LEU A 227 -0.75 8.77 9.83
C LEU A 227 -0.23 8.51 11.25
N TRP A 228 -1.02 7.78 12.01
CA TRP A 228 -0.70 7.36 13.37
C TRP A 228 0.49 6.40 13.41
N GLU A 229 0.45 5.41 12.50
CA GLU A 229 1.54 4.44 12.36
C GLU A 229 2.80 5.21 12.02
N LEU A 230 2.62 6.26 11.22
CA LEU A 230 3.74 7.08 10.80
C LEU A 230 4.33 7.80 12.00
N MET A 231 3.50 8.56 12.71
CA MET A 231 3.98 9.33 13.85
C MET A 231 4.46 8.50 15.04
N THR A 232 4.13 7.23 15.07
CA THR A 232 4.63 6.33 16.11
C THR A 232 5.78 5.50 15.54
N ARG A 233 6.14 5.73 14.28
CA ARG A 233 7.19 4.94 13.65
C ARG A 233 6.91 3.43 13.59
N GLY A 234 5.70 3.08 13.16
CA GLY A 234 5.28 1.72 12.92
C GLY A 234 4.75 0.93 14.09
N ALA A 235 4.26 1.63 15.11
CA ALA A 235 3.65 0.94 16.24
C ALA A 235 2.34 0.30 15.79
N PRO A 236 2.03 -0.89 16.31
CA PRO A 236 0.76 -1.58 15.99
C PRO A 236 -0.40 -0.83 16.67
N PRO A 237 -1.49 -0.58 15.93
CA PRO A 237 -2.64 0.16 16.50
C PRO A 237 -3.46 -0.67 17.49
N TYR A 238 -3.88 -0.05 18.58
CA TYR A 238 -4.64 -0.73 19.62
C TYR A 238 -3.97 -2.06 19.94
N PRO A 239 -2.73 -2.00 20.46
CA PRO A 239 -1.98 -3.22 20.81
C PRO A 239 -2.74 -4.08 21.82
N ASP A 240 -3.23 -3.46 22.90
CA ASP A 240 -3.94 -4.16 23.96
C ASP A 240 -5.19 -4.93 23.50
N VAL A 241 -5.86 -4.44 22.47
CA VAL A 241 -7.04 -5.11 21.93
C VAL A 241 -6.67 -5.90 20.67
N ASN A 242 -5.84 -6.93 20.86
CA ASN A 242 -5.30 -7.76 19.77
C ASN A 242 -6.37 -8.65 19.13
N THR A 243 -7.58 -8.12 18.99
CA THR A 243 -8.67 -8.94 18.51
C THR A 243 -9.29 -8.65 17.13
N PHE A 244 -10.60 -8.82 17.09
CA PHE A 244 -11.42 -8.64 15.90
C PHE A 244 -12.58 -7.78 16.39
N ASP A 245 -12.81 -7.85 17.70
CA ASP A 245 -13.88 -7.09 18.34
C ASP A 245 -13.50 -5.64 18.69
N ILE A 246 -12.96 -4.94 17.70
CA ILE A 246 -12.60 -3.55 17.88
C ILE A 246 -13.84 -2.64 17.86
N THR A 247 -14.95 -3.12 17.28
CA THR A 247 -16.17 -2.33 17.21
C THR A 247 -16.73 -1.93 18.56
N VAL A 248 -16.66 -2.84 19.53
CA VAL A 248 -17.18 -2.55 20.87
C VAL A 248 -16.33 -1.48 21.54
N TYR A 249 -15.04 -1.60 21.30
CA TYR A 249 -14.07 -0.67 21.85
C TYR A 249 -14.29 0.73 21.29
N LEU A 250 -14.40 0.83 19.98
CA LEU A 250 -14.63 2.13 19.34
C LEU A 250 -15.95 2.82 19.74
N LEU A 251 -17.04 2.04 19.83
CA LEU A 251 -18.35 2.61 20.17
C LEU A 251 -18.47 3.06 21.64
N GLN A 252 -17.36 2.96 22.36
CA GLN A 252 -17.35 3.39 23.75
C GLN A 252 -16.96 4.86 23.82
N GLY A 253 -16.54 5.40 22.69
CA GLY A 253 -16.09 6.76 22.61
C GLY A 253 -14.57 6.77 22.61
N ARG A 254 -13.96 5.83 21.90
CA ARG A 254 -12.50 5.70 21.87
C ARG A 254 -11.85 5.92 20.50
N ARG A 255 -10.62 6.44 20.52
CA ARG A 255 -9.82 6.68 19.32
C ARG A 255 -8.36 6.45 19.74
N LEU A 256 -7.49 6.21 18.76
CA LEU A 256 -6.06 6.05 19.03
C LEU A 256 -5.62 7.35 19.67
N LEU A 257 -4.61 7.30 20.53
CA LEU A 257 -4.11 8.48 21.24
C LEU A 257 -3.10 9.28 20.41
N GLN A 258 -2.82 10.53 20.80
CA GLN A 258 -1.86 11.34 20.05
C GLN A 258 -0.41 10.94 20.37
N PRO A 259 0.32 10.41 19.37
CA PRO A 259 1.71 10.00 19.60
C PRO A 259 2.53 11.16 20.16
N GLU A 260 3.53 10.84 20.95
CA GLU A 260 4.38 11.87 21.54
C GLU A 260 4.91 12.88 20.55
N TYR A 261 5.27 12.43 19.35
CA TYR A 261 5.83 13.38 18.39
C TYR A 261 4.90 13.94 17.33
N CYS A 262 3.61 13.65 17.46
CA CYS A 262 2.61 14.12 16.51
C CYS A 262 2.11 15.53 16.86
N PRO A 263 2.33 16.51 15.94
CA PRO A 263 1.89 17.89 16.19
C PRO A 263 0.38 17.95 16.41
N ASP A 264 -0.06 18.90 17.22
CA ASP A 264 -1.47 19.03 17.54
C ASP A 264 -2.36 19.15 16.31
N PRO A 265 -1.97 20.02 15.35
CA PRO A 265 -2.80 20.21 14.14
C PRO A 265 -2.96 18.93 13.36
N LEU A 266 -1.97 18.05 13.44
CA LEU A 266 -2.04 16.77 12.72
C LEU A 266 -2.96 15.75 13.35
N TYR A 267 -3.01 15.74 14.68
CA TYR A 267 -3.88 14.82 15.43
C TYR A 267 -5.33 15.25 15.18
N GLU A 268 -5.54 16.57 15.08
CA GLU A 268 -6.84 17.12 14.71
C GLU A 268 -7.34 16.59 13.34
N VAL A 269 -6.41 16.45 12.39
CA VAL A 269 -6.69 15.90 11.06
C VAL A 269 -7.07 14.42 11.25
N MET A 270 -6.28 13.69 12.03
CA MET A 270 -6.59 12.29 12.32
C MET A 270 -8.03 12.11 12.85
N LEU A 271 -8.43 12.93 13.81
CA LEU A 271 -9.77 12.83 14.41
C LEU A 271 -10.87 13.19 13.40
N LYS A 272 -10.54 14.05 12.44
CA LYS A 272 -11.47 14.36 11.36
C LYS A 272 -11.65 13.14 10.44
N CYS A 273 -10.56 12.39 10.24
CA CYS A 273 -10.53 11.17 9.41
C CYS A 273 -11.34 10.06 10.04
N TRP A 274 -11.50 10.14 11.35
CA TRP A 274 -12.22 9.13 12.10
C TRP A 274 -13.63 9.60 12.51
N HIS A 275 -14.10 10.66 11.87
CA HIS A 275 -15.43 11.20 12.13
C HIS A 275 -16.45 10.04 12.13
N PRO A 276 -17.36 10.05 13.10
CA PRO A 276 -18.35 8.95 13.03
C PRO A 276 -19.17 8.99 11.71
N LYS A 277 -19.44 10.19 11.18
CA LYS A 277 -20.23 10.33 9.93
C LYS A 277 -19.32 10.40 8.72
N ALA A 278 -19.26 9.30 7.98
CA ALA A 278 -18.45 9.20 6.78
C ALA A 278 -18.40 10.46 5.91
N GLU A 279 -19.56 11.09 5.69
CA GLU A 279 -19.62 12.29 4.84
C GLU A 279 -19.08 13.56 5.50
N MET A 280 -18.86 13.49 6.80
CA MET A 280 -18.28 14.63 7.50
C MET A 280 -16.75 14.52 7.38
N ARG A 281 -16.28 13.40 6.88
CA ARG A 281 -14.86 13.15 6.78
C ARG A 281 -14.24 13.96 5.67
N PRO A 282 -13.04 14.50 5.90
CA PRO A 282 -12.44 15.23 4.78
C PRO A 282 -12.13 14.33 3.58
N SER A 283 -12.17 14.94 2.40
CA SER A 283 -11.80 14.23 1.19
C SER A 283 -10.26 14.17 1.14
N PHE A 284 -9.72 13.24 0.38
CA PHE A 284 -8.28 13.15 0.15
C PHE A 284 -7.70 14.43 -0.44
N SER A 285 -8.54 15.15 -1.18
CA SER A 285 -8.10 16.39 -1.74
C SER A 285 -7.94 17.45 -0.62
N GLU A 286 -8.85 17.42 0.37
CA GLU A 286 -8.76 18.33 1.50
C GLU A 286 -7.56 17.98 2.37
N LEU A 287 -7.25 16.68 2.46
CA LEU A 287 -6.10 16.19 3.25
C LEU A 287 -4.76 16.62 2.65
N VAL A 288 -4.60 16.48 1.34
CA VAL A 288 -3.37 16.96 0.69
C VAL A 288 -3.19 18.43 1.06
N SER A 289 -4.26 19.20 0.88
CA SER A 289 -4.30 20.60 1.23
C SER A 289 -3.89 20.85 2.69
N ARG A 290 -4.62 20.26 3.64
CA ARG A 290 -4.32 20.47 5.06
C ARG A 290 -2.94 20.02 5.49
N ILE A 291 -2.50 18.88 4.98
CA ILE A 291 -1.19 18.36 5.34
C ILE A 291 -0.01 19.09 4.67
N SER A 292 -0.21 19.59 3.46
CA SER A 292 0.87 20.34 2.80
C SER A 292 1.22 21.60 3.62
N ALA A 293 0.22 22.15 4.31
CA ALA A 293 0.36 23.34 5.14
C ALA A 293 1.13 23.07 6.42
N ILE A 294 0.76 21.99 7.09
CA ILE A 294 1.37 21.59 8.34
C ILE A 294 2.84 21.22 8.09
N PHE A 295 3.07 20.55 6.95
CA PHE A 295 4.40 20.12 6.53
C PHE A 295 5.34 21.30 6.24
N SER A 296 4.82 22.31 5.57
CA SER A 296 5.58 23.51 5.23
C SER A 296 6.06 24.30 6.45
N THR A 297 5.45 24.09 7.61
CA THR A 297 5.86 24.81 8.79
C THR A 297 7.07 24.19 9.48
N PHE A 298 7.46 22.99 9.07
CA PHE A 298 8.61 22.30 9.69
C PHE A 298 9.89 22.48 8.90
N ILE A 299 11.02 22.51 9.60
CA ILE A 299 12.32 22.70 8.97
C ILE A 299 13.19 21.45 9.00
N GLY A 300 12.85 20.49 9.85
CA GLY A 300 13.60 19.25 9.95
C GLY A 300 14.58 19.20 11.08
N GLU A 301 14.21 19.75 12.22
CA GLU A 301 15.07 19.75 13.39
C GLU A 301 14.51 18.88 14.52
N HIS A 302 13.32 18.32 14.31
CA HIS A 302 12.67 17.48 15.33
C HIS A 302 12.81 16.02 14.98
N TYR A 303 13.58 15.31 15.80
CA TYR A 303 13.79 13.91 15.59
C TYR A 303 12.72 13.09 16.29
N VAL A 304 12.17 12.10 15.59
CA VAL A 304 11.17 11.23 16.21
C VAL A 304 11.85 9.96 16.70
N HIS A 305 11.65 9.63 17.97
CA HIS A 305 12.27 8.44 18.56
C HIS A 305 11.23 7.37 18.80
N VAL A 306 11.69 6.14 19.04
CA VAL A 306 10.74 5.05 19.25
C VAL A 306 10.30 4.95 20.70
N ASN A 307 9.00 4.72 20.88
CA ASN A 307 8.40 4.58 22.20
C ASN A 307 8.79 3.21 22.80
N ALA A 308 9.43 3.26 23.98
CA ALA A 308 9.85 2.06 24.72
C ALA A 308 8.75 1.03 24.92
N THR A 309 7.53 1.52 25.23
CA THR A 309 6.37 0.65 25.51
C THR A 309 5.74 -0.01 24.28
N TYR A 310 6.25 0.34 23.09
CA TYR A 310 5.77 -0.22 21.83
C TYR A 310 6.87 -1.12 21.25
N VAL A 311 8.08 -0.97 21.78
CA VAL A 311 9.24 -1.74 21.34
C VAL A 311 9.08 -3.24 21.62
N ASN A 312 9.10 -4.03 20.54
CA ASN A 312 8.93 -5.49 20.55
C ASN A 312 7.46 -5.88 20.53
N VAL A 313 6.59 -4.88 20.64
CA VAL A 313 5.16 -5.06 20.58
C VAL A 313 4.77 -5.33 19.13
N LYS A 314 3.96 -6.36 18.92
CA LYS A 314 3.58 -6.75 17.56
C LYS A 314 2.07 -6.81 17.33
C1 319 B . -3.03 -2.30 -5.75
C2 319 B . -1.44 -0.91 -6.99
C3 319 B . 3.73 -4.81 -3.91
C4 319 B . 5.04 -5.04 -3.47
C5 319 B . -3.55 -1.17 -5.16
C6 319 B . -1.97 0.23 -6.39
C7 319 B . 7.99 -4.57 -5.22
C8 319 B . 3.99 -6.55 -5.57
C9 319 B . 9.25 -5.30 -3.31
C10 319 B . 9.06 -3.72 -5.52
C11 319 B . -1.97 -2.18 -6.67
C12 319 B . 3.20 -5.57 -4.97
C13 319 B . 5.82 -6.02 -4.08
C14 319 B . 8.09 -5.36 -4.08
C15 319 B . -3.02 0.09 -5.49
C16 319 B . 5.29 -6.77 -5.13
C17 319 B . 10.28 -4.44 -3.68
C18 319 B . -0.16 -3.84 -6.55
C19 319 B . 1.31 -5.83 -6.53
C20 319 B . -1.41 -3.42 -7.28
N21 319 B . 10.19 -3.66 -4.78
N22 319 B . 11.46 -4.38 -2.87
N23 319 B . 1.88 -5.31 -5.39
N24 319 B . 0.32 -5.03 -7.07
O25 319 B . 0.14 -3.43 -5.44
O26 319 B . 1.60 -6.87 -7.09
O27 319 B . 7.11 -6.25 -3.66
F28 319 B . -3.55 1.17 -4.91
F29 319 B . 6.02 -7.72 -5.74
#